data_5VWZ
#
_entry.id   5VWZ
#
_cell.length_a   38.237
_cell.length_b   56.668
_cell.length_c   79.291
_cell.angle_alpha   90.00
_cell.angle_beta   103.32
_cell.angle_gamma   90.00
#
_symmetry.space_group_name_H-M   'P 1 21 1'
#
loop_
_entity.id
_entity.type
_entity.pdbx_description
1 polymer 'Bcl-2 homologous antagonist/killer'
2 polymer 'Bcl-2-like protein 11'
3 non-polymer 2-(2-{2-[2-(2-METHOXY-ETHOXY)-ETHOXY]-ETHOXY}-ETHOXY)-ETHANOL
4 non-polymer 'AMMONIUM ION'
5 water water
#
loop_
_entity_poly.entity_id
_entity_poly.type
_entity_poly.pdbx_seq_one_letter_code
_entity_poly.pdbx_strand_id
1 'polypeptide(L)'
;GPLGSMSEEQVAQDTEEVFRSYVFYRHQQEQEAEGVAAPADPEMVTLPLQPSSTMGQVGRQLAIIGDDINRRYDSEFQTM
LQHLQPTAENAYEYFTKIATSLFESGINWGRVVALLGFGYRLALHVYQHGLTGFLGQVTRFVVDFMLHHSIARWIAQRGG
WVAALNLGNG
;
A,C
2 'polypeptide(L)' DMRPEIWIAQELRR(9R1)GDEFNAYYARR B,D
#
# COMPACT_ATOMS: atom_id res chain seq x y z
N SER A 5 -33.26 21.51 -6.80
CA SER A 5 -33.97 20.25 -6.71
C SER A 5 -33.21 19.24 -5.84
N MET A 6 -32.08 19.67 -5.29
CA MET A 6 -31.28 18.83 -4.41
C MET A 6 -31.25 19.42 -3.00
N SER A 7 -31.27 18.55 -2.01
CA SER A 7 -31.22 18.94 -0.61
C SER A 7 -30.26 18.02 0.12
N GLU A 8 -29.84 18.47 1.30
CA GLU A 8 -29.01 17.64 2.16
C GLU A 8 -29.72 16.33 2.49
N GLU A 9 -31.01 16.39 2.79
CA GLU A 9 -31.76 15.19 3.12
C GLU A 9 -31.77 14.21 1.96
N GLN A 10 -31.98 14.71 0.73
CA GLN A 10 -31.98 13.83 -0.44
C GLN A 10 -30.62 13.17 -0.64
N VAL A 11 -29.55 13.95 -0.50
CA VAL A 11 -28.22 13.39 -0.67
C VAL A 11 -28.00 12.27 0.32
N ALA A 12 -28.39 12.49 1.58
CA ALA A 12 -28.22 11.44 2.59
C ALA A 12 -28.98 10.18 2.21
N GLN A 13 -30.23 10.32 1.79
CA GLN A 13 -30.99 9.15 1.35
C GLN A 13 -30.26 8.42 0.23
N ASP A 14 -29.78 9.17 -0.77
CA ASP A 14 -29.08 8.59 -1.92
C ASP A 14 -27.80 7.89 -1.51
N THR A 15 -27.20 8.31 -0.39
CA THR A 15 -25.87 7.80 -0.01
C THR A 15 -25.90 6.30 0.27
N GLU A 16 -27.00 5.78 0.79
CA GLU A 16 -27.06 4.35 1.08
C GLU A 16 -26.78 3.53 -0.19
N GLU A 17 -27.46 3.86 -1.29
CA GLU A 17 -27.24 3.13 -2.53
C GLU A 17 -25.85 3.37 -3.10
N VAL A 18 -25.36 4.61 -3.01
CA VAL A 18 -24.01 4.91 -3.46
C VAL A 18 -23.01 4.01 -2.74
N PHE A 19 -23.11 3.95 -1.43
CA PHE A 19 -22.14 3.16 -0.67
C PHE A 19 -22.28 1.67 -0.95
N ARG A 20 -23.51 1.17 -1.01
CA ARG A 20 -23.68 -0.26 -1.26
C ARG A 20 -23.16 -0.65 -2.64
N SER A 21 -23.38 0.21 -3.64
CA SER A 21 -22.81 -0.04 -4.97
C SER A 21 -21.29 0.03 -4.94
N TYR A 22 -20.74 1.05 -4.29
CA TYR A 22 -19.30 1.15 -4.13
C TYR A 22 -18.70 -0.13 -3.57
N VAL A 23 -19.29 -0.64 -2.48
CA VAL A 23 -18.83 -1.87 -1.85
C VAL A 23 -18.86 -3.02 -2.84
N PHE A 24 -19.96 -3.17 -3.56
CA PHE A 24 -20.09 -4.28 -4.51
C PHE A 24 -18.99 -4.23 -5.56
N TYR A 25 -18.81 -3.08 -6.20
CA TYR A 25 -17.87 -3.01 -7.30
C TYR A 25 -16.43 -3.03 -6.82
N ARG A 26 -16.14 -2.41 -5.66
CA ARG A 26 -14.79 -2.52 -5.14
C ARG A 26 -14.44 -3.97 -4.83
N HIS A 27 -15.34 -4.68 -4.14
CA HIS A 27 -15.06 -6.09 -3.84
C HIS A 27 -14.90 -6.89 -5.12
N GLN A 28 -15.77 -6.65 -6.11
CA GLN A 28 -15.71 -7.41 -7.34
C GLN A 28 -14.38 -7.20 -8.05
N GLN A 29 -13.92 -5.94 -8.12
CA GLN A 29 -12.68 -5.70 -8.83
C GLN A 29 -11.48 -6.25 -8.06
N GLU A 30 -11.52 -6.21 -6.72
CA GLU A 30 -10.40 -6.76 -5.96
C GLU A 30 -10.37 -8.29 -6.05
N GLN A 31 -11.54 -8.92 -6.03
CA GLN A 31 -11.58 -10.37 -6.19
C GLN A 31 -11.13 -10.80 -7.57
N GLU A 32 -11.30 -9.95 -8.59
CA GLU A 32 -10.90 -10.29 -9.94
C GLU A 32 -9.42 -10.09 -10.19
N ALA A 33 -8.78 -9.15 -9.49
CA ALA A 33 -7.36 -8.88 -9.67
C ALA A 33 -6.52 -10.15 -9.59
N GLU A 34 -5.32 -10.12 -10.18
CA GLU A 34 -4.56 -11.34 -10.45
C GLU A 34 -3.75 -11.79 -9.25
N GLY A 35 -2.98 -10.88 -8.64
CA GLY A 35 -2.19 -11.26 -7.47
C GLY A 35 -3.05 -11.51 -6.25
N VAL A 36 -3.93 -10.56 -5.93
CA VAL A 36 -4.95 -10.64 -4.89
C VAL A 36 -4.52 -11.54 -3.74
N ALA A 37 -5.04 -12.77 -3.67
CA ALA A 37 -4.91 -13.63 -2.50
C ALA A 37 -5.77 -13.13 -1.34
N ALA A 38 -6.91 -12.53 -1.67
CA ALA A 38 -7.80 -11.90 -0.69
C ALA A 38 -9.09 -12.69 -0.57
N PRO A 39 -9.48 -13.12 0.64
CA PRO A 39 -10.65 -14.00 0.76
C PRO A 39 -11.93 -13.24 0.44
N ALA A 40 -12.85 -13.93 -0.25
CA ALA A 40 -14.08 -13.30 -0.65
C ALA A 40 -15.00 -13.09 0.55
N ASP A 41 -15.79 -12.04 0.47
CA ASP A 41 -16.83 -11.75 1.45
C ASP A 41 -18.18 -11.98 0.78
N PRO A 42 -18.87 -13.08 1.05
CA PRO A 42 -20.11 -13.35 0.29
C PRO A 42 -21.19 -12.31 0.52
N GLU A 43 -21.17 -11.59 1.65
CA GLU A 43 -22.13 -10.51 1.88
C GLU A 43 -21.96 -9.39 0.85
N MET A 44 -20.75 -9.21 0.34
CA MET A 44 -20.54 -8.18 -0.66
C MET A 44 -20.79 -8.69 -2.06
N VAL A 45 -20.77 -10.00 -2.28
CA VAL A 45 -21.03 -10.51 -3.62
C VAL A 45 -22.52 -10.53 -3.93
N THR A 46 -23.38 -10.82 -2.94
CA THR A 46 -24.79 -11.03 -3.18
C THR A 46 -25.62 -9.79 -2.85
N LEU A 47 -24.99 -8.63 -2.70
CA LEU A 47 -25.70 -7.38 -2.48
C LEU A 47 -26.77 -7.19 -3.56
N PRO A 48 -28.04 -7.03 -3.18
CA PRO A 48 -29.08 -6.70 -4.17
C PRO A 48 -28.87 -5.26 -4.67
N LEU A 49 -28.66 -5.12 -5.98
CA LEU A 49 -28.35 -3.81 -6.51
C LEU A 49 -28.92 -3.67 -7.92
N GLN A 50 -29.21 -2.43 -8.30
CA GLN A 50 -29.68 -2.08 -9.62
C GLN A 50 -28.54 -1.35 -10.33
N PRO A 51 -27.69 -2.06 -11.09
CA PRO A 51 -26.44 -1.43 -11.56
C PRO A 51 -26.64 -0.17 -12.38
N SER A 52 -27.73 -0.07 -13.13
CA SER A 52 -27.90 1.07 -14.02
C SER A 52 -28.62 2.24 -13.37
N SER A 53 -29.05 2.11 -12.11
CA SER A 53 -29.55 3.29 -11.41
C SER A 53 -28.45 4.33 -11.29
N THR A 54 -28.86 5.59 -11.17
CA THR A 54 -27.85 6.65 -11.09
C THR A 54 -26.95 6.47 -9.89
N MET A 55 -27.51 6.15 -8.71
CA MET A 55 -26.65 6.00 -7.54
C MET A 55 -25.80 4.74 -7.66
N GLY A 56 -26.32 3.69 -8.30
CA GLY A 56 -25.48 2.55 -8.62
C GLY A 56 -24.31 2.93 -9.49
N GLN A 57 -24.54 3.78 -10.48
CA GLN A 57 -23.46 4.23 -11.36
C GLN A 57 -22.45 5.09 -10.61
N VAL A 58 -22.92 5.96 -9.70
CA VAL A 58 -22.00 6.76 -8.91
C VAL A 58 -21.10 5.87 -8.07
N GLY A 59 -21.68 4.91 -7.35
CA GLY A 59 -20.85 3.98 -6.58
C GLY A 59 -19.82 3.27 -7.44
N ARG A 60 -20.22 2.86 -8.66
CA ARG A 60 -19.27 2.17 -9.53
C ARG A 60 -18.15 3.10 -9.96
N GLN A 61 -18.49 4.31 -10.41
CA GLN A 61 -17.48 5.30 -10.76
C GLN A 61 -16.43 5.44 -9.66
N LEU A 62 -16.89 5.61 -8.42
CA LEU A 62 -15.97 5.89 -7.34
C LEU A 62 -15.15 4.67 -6.97
N ALA A 63 -15.68 3.48 -7.23
CA ALA A 63 -14.93 2.26 -6.93
C ALA A 63 -13.85 1.99 -7.96
N ILE A 64 -14.12 2.27 -9.23
CA ILE A 64 -13.20 1.85 -10.28
C ILE A 64 -12.14 2.88 -10.62
N ILE A 65 -12.36 4.17 -10.34
CA ILE A 65 -11.41 5.18 -10.78
C ILE A 65 -10.22 5.23 -9.81
N GLY A 66 -9.02 5.08 -10.35
CA GLY A 66 -7.82 5.22 -9.53
C GLY A 66 -7.68 4.18 -8.45
N ASP A 67 -8.20 2.96 -8.66
CA ASP A 67 -8.13 1.95 -7.61
C ASP A 67 -6.69 1.57 -7.28
N ASP A 68 -5.74 1.84 -8.19
CA ASP A 68 -4.33 1.63 -7.84
C ASP A 68 -3.89 2.48 -6.66
N ILE A 69 -4.55 3.61 -6.43
CA ILE A 69 -4.20 4.45 -5.30
C ILE A 69 -4.51 3.74 -3.99
N ASN A 70 -5.69 3.12 -3.88
CA ASN A 70 -5.96 2.56 -2.57
C ASN A 70 -5.16 1.27 -2.32
N ARG A 71 -4.61 0.63 -3.37
CA ARG A 71 -3.73 -0.53 -3.17
C ARG A 71 -2.52 -0.16 -2.33
N ARG A 72 -1.99 1.06 -2.50
CA ARG A 72 -0.79 1.46 -1.77
C ARG A 72 -1.04 1.56 -0.27
N TYR A 73 -2.30 1.56 0.17
CA TYR A 73 -2.63 1.67 1.58
C TYR A 73 -3.02 0.32 2.18
N ASP A 74 -2.94 -0.77 1.41
CA ASP A 74 -3.50 -2.05 1.87
C ASP A 74 -2.80 -2.54 3.13
N SER A 75 -1.47 -2.62 3.09
CA SER A 75 -0.77 -3.22 4.22
C SER A 75 -0.86 -2.36 5.47
N GLU A 76 -0.82 -1.04 5.31
CA GLU A 76 -0.97 -0.17 6.46
C GLU A 76 -2.34 -0.34 7.08
N PHE A 77 -3.37 -0.50 6.25
CA PHE A 77 -4.71 -0.64 6.83
C PHE A 77 -4.89 -1.97 7.54
N GLN A 78 -4.22 -3.03 7.08
CA GLN A 78 -4.18 -4.26 7.87
C GLN A 78 -3.63 -3.98 9.26
N THR A 79 -2.46 -3.34 9.33
CA THR A 79 -1.86 -3.02 10.63
C THR A 79 -2.76 -2.14 11.49
N MET A 80 -3.28 -1.05 10.90
CA MET A 80 -4.02 -0.10 11.71
C MET A 80 -5.30 -0.70 12.25
N LEU A 81 -6.03 -1.46 11.41
CA LEU A 81 -7.30 -2.04 11.86
C LEU A 81 -7.07 -3.14 12.89
N GLN A 82 -5.95 -3.84 12.80
CA GLN A 82 -5.61 -4.79 13.86
C GLN A 82 -5.40 -4.08 15.20
N HIS A 83 -4.76 -2.91 15.17
CA HIS A 83 -4.61 -2.12 16.38
C HIS A 83 -5.93 -1.50 16.82
N LEU A 84 -6.80 -1.15 15.88
CA LEU A 84 -8.08 -0.55 16.25
C LEU A 84 -8.99 -1.55 16.95
N GLN A 85 -8.93 -2.82 16.55
CA GLN A 85 -9.76 -3.86 17.14
C GLN A 85 -11.24 -3.44 17.14
N PRO A 86 -11.80 -3.11 15.98
CA PRO A 86 -13.21 -2.69 15.95
C PRO A 86 -14.14 -3.82 16.38
N THR A 87 -15.26 -3.44 16.97
CA THR A 87 -16.30 -4.39 17.38
C THR A 87 -17.66 -3.84 16.97
N ALA A 88 -18.68 -4.70 17.07
CA ALA A 88 -20.05 -4.22 16.83
C ALA A 88 -20.36 -3.05 17.74
N GLU A 89 -19.81 -3.06 18.95
CA GLU A 89 -20.15 -2.09 19.98
C GLU A 89 -19.32 -0.81 19.91
N ASN A 90 -18.08 -0.87 19.45
CA ASN A 90 -17.26 0.34 19.42
C ASN A 90 -17.17 1.00 18.05
N ALA A 91 -17.68 0.38 16.98
CA ALA A 91 -17.30 0.84 15.65
C ALA A 91 -17.99 2.15 15.26
N TYR A 92 -19.26 2.35 15.62
CA TYR A 92 -19.93 3.58 15.21
C TYR A 92 -19.16 4.81 15.72
N GLU A 93 -18.81 4.82 17.00
CA GLU A 93 -18.15 6.00 17.53
C GLU A 93 -16.74 6.17 16.95
N TYR A 94 -16.01 5.07 16.76
CA TYR A 94 -14.71 5.18 16.09
C TYR A 94 -14.87 5.76 14.69
N PHE A 95 -15.82 5.22 13.92
CA PHE A 95 -16.03 5.70 12.57
C PHE A 95 -16.30 7.20 12.57
N THR A 96 -17.20 7.64 13.44
CA THR A 96 -17.59 9.04 13.43
C THR A 96 -16.43 9.94 13.77
N LYS A 97 -15.60 9.54 14.73
CA LYS A 97 -14.48 10.38 15.12
C LYS A 97 -13.35 10.35 14.09
N ILE A 98 -13.13 9.20 13.46
CA ILE A 98 -12.16 9.13 12.37
C ILE A 98 -12.60 10.04 11.21
N ALA A 99 -13.89 9.98 10.87
CA ALA A 99 -14.39 10.80 9.76
C ALA A 99 -14.28 12.29 10.11
N THR A 100 -14.60 12.65 11.36
CA THR A 100 -14.43 14.04 11.76
C THR A 100 -13.00 14.49 11.59
N SER A 101 -12.06 13.65 12.03
N SER A 101 -12.04 13.66 12.00
CA SER A 101 -10.64 13.97 11.87
CA SER A 101 -10.64 14.03 11.86
C SER A 101 -10.29 14.15 10.40
C SER A 101 -10.23 14.13 10.40
N LEU A 102 -10.77 13.24 9.55
CA LEU A 102 -10.45 13.28 8.13
C LEU A 102 -10.76 14.64 7.51
N PHE A 103 -11.94 15.18 7.80
CA PHE A 103 -12.42 16.41 7.15
C PHE A 103 -12.08 17.68 7.92
N GLU A 104 -11.36 17.58 9.04
N GLU A 104 -11.36 17.56 9.04
CA GLU A 104 -11.12 18.77 9.85
CA GLU A 104 -11.07 18.73 9.87
C GLU A 104 -10.48 19.89 9.03
C GLU A 104 -10.44 19.87 9.07
N SER A 105 -9.52 19.55 8.17
CA SER A 105 -8.80 20.57 7.41
C SER A 105 -9.41 20.84 6.05
N GLY A 106 -10.59 20.29 5.75
CA GLY A 106 -11.28 20.59 4.52
C GLY A 106 -12.02 19.40 3.95
N ILE A 107 -13.04 19.70 3.13
CA ILE A 107 -13.80 18.69 2.40
C ILE A 107 -13.39 18.77 0.94
N ASN A 108 -13.16 17.61 0.32
CA ASN A 108 -12.97 17.54 -1.12
C ASN A 108 -13.44 16.16 -1.58
N TRP A 109 -13.65 16.01 -2.90
CA TRP A 109 -14.25 14.78 -3.41
C TRP A 109 -13.39 13.56 -3.09
N GLY A 110 -12.07 13.71 -3.12
CA GLY A 110 -11.20 12.60 -2.80
C GLY A 110 -11.37 12.13 -1.36
N ARG A 111 -11.51 13.07 -0.43
CA ARG A 111 -11.74 12.68 0.96
C ARG A 111 -13.11 12.03 1.13
N VAL A 112 -14.12 12.49 0.38
CA VAL A 112 -15.41 11.80 0.37
C VAL A 112 -15.25 10.35 -0.04
N VAL A 113 -14.47 10.10 -1.10
CA VAL A 113 -14.28 8.73 -1.55
C VAL A 113 -13.47 7.96 -0.53
N ALA A 114 -12.50 8.60 0.12
CA ALA A 114 -11.74 7.91 1.16
C ALA A 114 -12.65 7.45 2.29
N LEU A 115 -13.69 8.23 2.61
CA LEU A 115 -14.61 7.81 3.66
C LEU A 115 -15.37 6.56 3.24
N LEU A 116 -15.81 6.50 1.97
CA LEU A 116 -16.42 5.28 1.47
C LEU A 116 -15.44 4.12 1.53
N GLY A 117 -14.19 4.37 1.16
CA GLY A 117 -13.18 3.33 1.23
C GLY A 117 -12.97 2.81 2.64
N PHE A 118 -12.94 3.72 3.62
CA PHE A 118 -12.81 3.26 5.00
C PHE A 118 -14.01 2.40 5.40
N GLY A 119 -15.22 2.80 5.01
CA GLY A 119 -16.37 1.95 5.28
C GLY A 119 -16.20 0.55 4.71
N TYR A 120 -15.71 0.48 3.46
CA TYR A 120 -15.45 -0.82 2.85
C TYR A 120 -14.43 -1.62 3.63
N ARG A 121 -13.28 -1.01 3.94
CA ARG A 121 -12.23 -1.76 4.63
C ARG A 121 -12.70 -2.22 5.99
N LEU A 122 -13.42 -1.36 6.71
CA LEU A 122 -13.93 -1.68 8.03
C LEU A 122 -14.92 -2.82 7.96
N ALA A 123 -15.85 -2.75 7.00
CA ALA A 123 -16.82 -3.84 6.81
C ALA A 123 -16.11 -5.15 6.50
N LEU A 124 -15.10 -5.11 5.61
CA LEU A 124 -14.42 -6.34 5.23
C LEU A 124 -13.65 -6.92 6.41
N HIS A 125 -12.93 -6.07 7.15
CA HIS A 125 -12.17 -6.53 8.31
C HIS A 125 -13.07 -7.20 9.34
N VAL A 126 -14.20 -6.57 9.66
CA VAL A 126 -15.08 -7.09 10.69
C VAL A 126 -15.75 -8.40 10.22
N TYR A 127 -16.09 -8.49 8.94
CA TYR A 127 -16.61 -9.77 8.46
C TYR A 127 -15.56 -10.87 8.58
N GLN A 128 -14.36 -10.61 8.07
CA GLN A 128 -13.31 -11.61 8.08
C GLN A 128 -12.95 -12.06 9.48
N HIS A 129 -13.22 -11.24 10.48
CA HIS A 129 -12.94 -11.59 11.85
C HIS A 129 -14.14 -12.20 12.55
N GLY A 130 -15.20 -12.52 11.81
CA GLY A 130 -16.23 -13.43 12.26
C GLY A 130 -17.62 -12.87 12.48
N LEU A 131 -17.87 -11.60 12.20
CA LEU A 131 -19.17 -11.00 12.47
C LEU A 131 -19.92 -10.79 11.16
N THR A 132 -21.07 -11.45 11.03
CA THR A 132 -21.91 -11.28 9.87
C THR A 132 -22.91 -10.16 10.11
N GLY A 133 -23.50 -9.67 9.01
CA GLY A 133 -24.55 -8.68 9.10
C GLY A 133 -24.10 -7.28 9.46
N PHE A 134 -22.80 -7.02 9.48
CA PHE A 134 -22.27 -5.73 9.89
C PHE A 134 -22.32 -4.70 8.77
N LEU A 135 -22.52 -5.13 7.53
CA LEU A 135 -22.53 -4.17 6.44
C LEU A 135 -23.67 -3.15 6.61
N GLY A 136 -24.83 -3.60 7.07
CA GLY A 136 -25.91 -2.67 7.36
C GLY A 136 -25.56 -1.63 8.42
N GLN A 137 -24.74 -2.02 9.39
CA GLN A 137 -24.30 -1.04 10.40
C GLN A 137 -23.35 -0.03 9.79
N VAL A 138 -22.34 -0.48 9.03
CA VAL A 138 -21.38 0.46 8.44
C VAL A 138 -22.07 1.38 7.45
N THR A 139 -23.05 0.85 6.70
CA THR A 139 -23.75 1.69 5.75
C THR A 139 -24.35 2.90 6.47
N ARG A 140 -24.95 2.67 7.64
CA ARG A 140 -25.53 3.79 8.39
C ARG A 140 -24.44 4.70 8.98
N PHE A 141 -23.29 4.16 9.40
CA PHE A 141 -22.19 5.05 9.82
C PHE A 141 -21.94 6.09 8.75
N VAL A 142 -21.84 5.63 7.49
CA VAL A 142 -21.47 6.51 6.39
C VAL A 142 -22.58 7.53 6.15
N VAL A 143 -23.82 7.05 6.01
CA VAL A 143 -24.93 7.94 5.70
C VAL A 143 -25.10 8.96 6.81
N ASP A 144 -25.07 8.49 8.06
CA ASP A 144 -25.37 9.36 9.18
C ASP A 144 -24.25 10.37 9.39
N PHE A 145 -23.00 9.98 9.15
CA PHE A 145 -21.93 10.97 9.20
C PHE A 145 -22.18 12.08 8.19
N MET A 146 -22.49 11.71 6.95
CA MET A 146 -22.67 12.75 5.94
C MET A 146 -23.84 13.65 6.28
N LEU A 147 -24.92 13.06 6.80
CA LEU A 147 -26.11 13.85 7.13
C LEU A 147 -25.81 14.85 8.25
N HIS A 148 -25.13 14.38 9.29
CA HIS A 148 -24.99 15.18 10.48
C HIS A 148 -23.68 15.96 10.57
N HIS A 149 -22.75 15.77 9.64
CA HIS A 149 -21.44 16.43 9.70
C HIS A 149 -21.08 17.03 8.35
N SER A 150 -22.03 17.74 7.74
CA SER A 150 -21.76 18.70 6.67
C SER A 150 -21.58 18.09 5.29
N ILE A 151 -21.20 16.81 5.20
CA ILE A 151 -20.82 16.27 3.90
C ILE A 151 -22.02 16.21 2.95
N ALA A 152 -23.19 15.79 3.44
CA ALA A 152 -24.32 15.70 2.53
C ALA A 152 -24.70 17.07 2.00
N ARG A 153 -24.62 18.11 2.85
N ARG A 153 -24.63 18.11 2.84
CA ARG A 153 -24.92 19.47 2.42
CA ARG A 153 -24.93 19.46 2.39
C ARG A 153 -23.88 19.94 1.41
C ARG A 153 -23.88 19.93 1.39
N TRP A 154 -22.61 19.58 1.63
CA TRP A 154 -21.54 19.94 0.69
C TRP A 154 -21.82 19.32 -0.68
N ILE A 155 -22.21 18.05 -0.70
CA ILE A 155 -22.52 17.39 -1.95
C ILE A 155 -23.76 18.03 -2.59
N ALA A 156 -24.77 18.37 -1.78
CA ALA A 156 -26.00 18.93 -2.33
C ALA A 156 -25.74 20.27 -3.01
N GLN A 157 -24.91 21.12 -2.40
CA GLN A 157 -24.60 22.41 -3.02
C GLN A 157 -23.86 22.25 -4.34
N ARG A 158 -23.25 21.09 -4.57
CA ARG A 158 -22.52 20.81 -5.80
C ARG A 158 -23.34 20.00 -6.80
N GLY A 159 -24.63 19.81 -6.54
CA GLY A 159 -25.50 19.15 -7.49
C GLY A 159 -25.98 17.77 -7.07
N GLY A 160 -25.59 17.30 -5.90
CA GLY A 160 -25.92 15.95 -5.50
C GLY A 160 -24.85 14.95 -5.91
N TRP A 161 -25.08 13.70 -5.54
CA TRP A 161 -24.10 12.67 -5.89
C TRP A 161 -23.89 12.56 -7.40
N VAL A 162 -24.83 13.00 -8.23
CA VAL A 162 -24.64 12.91 -9.67
C VAL A 162 -23.43 13.74 -10.11
N ALA A 163 -23.04 14.74 -9.32
CA ALA A 163 -21.85 15.53 -9.61
C ALA A 163 -20.59 14.67 -9.58
N ALA A 164 -20.64 13.49 -8.95
CA ALA A 164 -19.48 12.62 -8.90
C ALA A 164 -19.43 11.62 -10.06
N LEU A 165 -20.44 11.64 -10.94
CA LEU A 165 -20.62 10.56 -11.91
C LEU A 165 -19.44 10.39 -12.84
N ASN A 166 -18.72 11.47 -13.13
CA ASN A 166 -17.67 11.45 -14.14
C ASN A 166 -16.31 11.83 -13.59
N LEU A 167 -16.16 11.82 -12.26
CA LEU A 167 -14.89 12.18 -11.65
C LEU A 167 -13.78 11.31 -12.23
N GLY A 168 -12.72 11.94 -12.71
CA GLY A 168 -11.62 11.17 -13.21
C GLY A 168 -11.74 10.76 -14.67
N ASN A 169 -12.74 11.23 -15.39
N ASN A 169 -12.83 11.14 -15.34
CA ASN A 169 -12.82 11.00 -16.82
CA ASN A 169 -12.92 11.08 -16.79
C ASN A 169 -12.78 12.37 -17.50
C ASN A 169 -12.74 12.51 -17.32
N GLY A 170 -11.57 12.78 -17.88
CA GLY A 170 -11.33 14.10 -18.45
C GLY A 170 -11.25 14.08 -19.96
N ASP B 1 3.02 6.83 21.05
CA ASP B 1 3.01 6.81 19.60
C ASP B 1 1.81 7.56 19.05
N MET B 2 0.74 6.82 18.71
CA MET B 2 -0.47 7.45 18.20
C MET B 2 -1.60 6.46 18.38
N ARG B 3 -2.77 6.97 18.76
CA ARG B 3 -3.94 6.09 18.82
C ARG B 3 -4.27 5.63 17.41
N PRO B 4 -4.67 4.36 17.23
CA PRO B 4 -4.92 3.85 15.88
C PRO B 4 -5.94 4.66 15.11
N GLU B 5 -6.96 5.22 15.77
CA GLU B 5 -7.98 5.99 15.05
C GLU B 5 -7.42 7.32 14.53
N ILE B 6 -6.46 7.91 15.22
CA ILE B 6 -5.81 9.12 14.69
C ILE B 6 -4.92 8.75 13.50
N TRP B 7 -4.18 7.66 13.63
CA TRP B 7 -3.34 7.17 12.55
C TRP B 7 -4.16 6.86 11.31
N ILE B 8 -5.28 6.15 11.49
CA ILE B 8 -6.18 5.87 10.37
C ILE B 8 -6.66 7.17 9.72
N ALA B 9 -7.06 8.15 10.53
CA ALA B 9 -7.55 9.40 9.95
C ALA B 9 -6.48 10.08 9.12
N GLN B 10 -5.25 10.11 9.63
CA GLN B 10 -4.17 10.74 8.89
C GLN B 10 -3.93 10.06 7.56
N GLU B 11 -4.03 8.73 7.53
CA GLU B 11 -3.77 8.01 6.29
C GLU B 11 -4.96 8.09 5.33
N LEU B 12 -6.20 8.15 5.86
CA LEU B 12 -7.35 8.38 4.99
C LEU B 12 -7.27 9.74 4.31
N ARG B 13 -6.76 10.73 5.04
CA ARG B 13 -6.61 12.05 4.44
C ARG B 13 -5.55 12.02 3.34
N ARG B 14 -4.42 11.35 3.57
CA ARG B 14 -3.40 11.26 2.53
C ARG B 14 -3.97 10.57 1.29
N GLY B 16 -7.16 10.13 0.43
CA GLY B 16 -8.22 10.90 -0.21
C GLY B 16 -7.67 12.05 -1.03
N ASP B 17 -6.63 12.70 -0.50
CA ASP B 17 -6.05 13.80 -1.24
C ASP B 17 -5.34 13.32 -2.51
N GLU B 18 -4.82 12.10 -2.50
CA GLU B 18 -4.26 11.56 -3.74
C GLU B 18 -5.35 11.23 -4.74
N PHE B 19 -6.50 10.71 -4.28
CA PHE B 19 -7.61 10.55 -5.20
C PHE B 19 -8.04 11.88 -5.78
N ASN B 20 -8.13 12.90 -4.93
CA ASN B 20 -8.59 14.21 -5.34
C ASN B 20 -7.71 14.76 -6.45
N ALA B 21 -6.39 14.67 -6.28
CA ALA B 21 -5.50 15.13 -7.34
C ALA B 21 -5.63 14.28 -8.59
N TYR B 22 -5.83 12.97 -8.43
CA TYR B 22 -5.95 12.09 -9.58
C TYR B 22 -7.19 12.43 -10.43
N TYR B 23 -8.33 12.72 -9.79
CA TYR B 23 -9.52 13.07 -10.55
C TYR B 23 -9.26 14.27 -11.44
N ALA B 24 -8.46 15.21 -10.93
CA ALA B 24 -8.25 16.48 -11.61
C ALA B 24 -7.21 16.36 -12.72
N ARG B 25 -6.14 15.61 -12.45
N ARG B 25 -6.16 15.58 -12.50
CA ARG B 25 -5.11 15.41 -13.46
CA ARG B 25 -5.14 15.50 -13.53
C ARG B 25 -5.68 14.67 -14.67
C ARG B 25 -5.56 14.58 -14.68
N ARG B 26 -6.44 13.63 -14.41
CA ARG B 26 -7.12 12.88 -15.46
C ARG B 26 -7.88 13.83 -16.37
N SER C 5 31.68 -24.98 -8.02
CA SER C 5 30.27 -24.86 -7.71
C SER C 5 30.04 -23.53 -6.97
N MET C 6 28.79 -23.09 -6.96
CA MET C 6 28.46 -21.73 -6.51
C MET C 6 28.98 -21.48 -5.10
N SER C 7 29.77 -20.43 -4.95
CA SER C 7 30.34 -20.05 -3.66
C SER C 7 29.63 -18.82 -3.10
N GLU C 8 29.80 -18.60 -1.80
CA GLU C 8 29.25 -17.38 -1.20
C GLU C 8 29.94 -16.14 -1.77
N GLU C 9 31.21 -16.25 -2.17
CA GLU C 9 31.92 -15.11 -2.77
C GLU C 9 31.34 -14.77 -4.13
N GLN C 10 30.97 -15.79 -4.91
CA GLN C 10 30.38 -15.50 -6.22
C GLN C 10 29.02 -14.87 -6.06
N VAL C 11 28.22 -15.37 -5.11
CA VAL C 11 26.92 -14.77 -4.84
C VAL C 11 27.07 -13.31 -4.44
N ALA C 12 28.03 -13.02 -3.54
CA ALA C 12 28.27 -11.64 -3.13
C ALA C 12 28.59 -10.76 -4.33
N GLN C 13 29.47 -11.23 -5.22
CA GLN C 13 29.81 -10.46 -6.40
C GLN C 13 28.60 -10.25 -7.29
N ASP C 14 27.84 -11.32 -7.54
CA ASP C 14 26.63 -11.22 -8.37
C ASP C 14 25.59 -10.26 -7.79
N THR C 15 25.58 -10.08 -6.47
CA THR C 15 24.50 -9.32 -5.83
C THR C 15 24.47 -7.87 -6.27
N GLU C 16 25.62 -7.32 -6.67
CA GLU C 16 25.65 -5.92 -7.07
C GLU C 16 24.79 -5.69 -8.31
N GLU C 17 24.99 -6.52 -9.34
CA GLU C 17 24.18 -6.38 -10.55
C GLU C 17 22.72 -6.77 -10.29
N VAL C 18 22.48 -7.79 -9.47
CA VAL C 18 21.12 -8.12 -9.09
C VAL C 18 20.42 -6.89 -8.52
N PHE C 19 21.04 -6.27 -7.52
CA PHE C 19 20.41 -5.14 -6.83
C PHE C 19 20.25 -3.93 -7.76
N ARG C 20 21.28 -3.60 -8.54
CA ARG C 20 21.17 -2.43 -9.41
C ARG C 20 20.08 -2.62 -10.46
N SER C 21 20.02 -3.81 -11.07
CA SER C 21 18.95 -4.11 -12.01
C SER C 21 17.59 -4.10 -11.32
N TYR C 22 17.50 -4.69 -10.12
CA TYR C 22 16.26 -4.66 -9.35
C TYR C 22 15.78 -3.22 -9.16
N VAL C 23 16.69 -2.32 -8.79
CA VAL C 23 16.33 -0.91 -8.59
C VAL C 23 15.82 -0.30 -9.88
N PHE C 24 16.54 -0.50 -10.99
CA PHE C 24 16.12 0.10 -12.25
C PHE C 24 14.70 -0.35 -12.64
N TYR C 25 14.47 -1.66 -12.66
CA TYR C 25 13.19 -2.14 -13.20
C TYR C 25 12.06 -1.93 -12.23
N ARG C 26 12.33 -1.94 -10.92
CA ARG C 26 11.29 -1.60 -9.97
C ARG C 26 10.85 -0.16 -10.16
N HIS C 27 11.83 0.75 -10.26
CA HIS C 27 11.49 2.16 -10.46
C HIS C 27 10.73 2.36 -11.77
N GLN C 28 11.16 1.66 -12.83
CA GLN C 28 10.49 1.79 -14.11
C GLN C 28 9.02 1.45 -14.01
N GLN C 29 8.69 0.28 -13.45
CA GLN C 29 7.28 -0.12 -13.42
C GLN C 29 6.48 0.73 -12.44
N GLU C 30 7.07 1.11 -11.31
CA GLU C 30 6.35 1.95 -10.36
C GLU C 30 6.02 3.32 -10.96
N GLN C 31 6.94 3.88 -11.73
CA GLN C 31 6.67 5.18 -12.33
C GLN C 31 5.59 5.11 -13.40
N GLU C 32 5.22 3.92 -13.85
CA GLU C 32 4.15 3.72 -14.82
C GLU C 32 2.79 3.51 -14.16
N ALA C 33 2.73 3.43 -12.84
CA ALA C 33 1.49 3.09 -12.15
C ALA C 33 0.53 4.27 -12.16
N GLU C 34 -0.75 3.97 -12.32
CA GLU C 34 -1.77 5.00 -12.22
C GLU C 34 -1.80 5.56 -10.80
N GLY C 35 -1.86 6.88 -10.69
CA GLY C 35 -1.85 7.52 -9.40
C GLY C 35 -0.55 7.41 -8.62
N VAL C 36 0.56 7.13 -9.28
CA VAL C 36 1.84 7.04 -8.59
C VAL C 36 2.09 8.32 -7.79
N ALA C 37 2.60 8.16 -6.57
CA ALA C 37 2.83 9.30 -5.69
C ALA C 37 4.29 9.66 -5.51
N ALA C 38 5.20 8.69 -5.57
CA ALA C 38 6.62 9.00 -5.44
C ALA C 38 7.12 9.70 -6.69
N PRO C 39 7.87 10.79 -6.57
CA PRO C 39 8.46 11.41 -7.77
C PRO C 39 9.60 10.56 -8.32
N ALA C 40 9.96 10.86 -9.57
CA ALA C 40 11.00 10.09 -10.26
C ALA C 40 12.37 10.38 -9.67
N ASP C 41 13.18 9.33 -9.56
CA ASP C 41 14.56 9.47 -9.09
C ASP C 41 15.47 9.32 -10.29
N PRO C 42 16.05 10.40 -10.79
CA PRO C 42 16.84 10.29 -12.04
C PRO C 42 18.03 9.37 -11.92
N GLU C 43 18.59 9.21 -10.71
CA GLU C 43 19.68 8.27 -10.53
C GLU C 43 19.26 6.84 -10.86
N MET C 44 17.98 6.52 -10.69
CA MET C 44 17.49 5.21 -11.05
C MET C 44 16.94 5.15 -12.46
N VAL C 45 16.44 6.28 -12.97
CA VAL C 45 15.97 6.33 -14.35
C VAL C 45 17.12 6.11 -15.32
N THR C 46 18.25 6.79 -15.07
CA THR C 46 19.41 6.73 -15.94
C THR C 46 20.43 5.69 -15.49
N LEU C 47 20.12 4.91 -14.47
CA LEU C 47 21.04 3.91 -13.95
C LEU C 47 21.53 3.00 -15.09
N PRO C 48 22.84 2.97 -15.37
CA PRO C 48 23.33 2.10 -16.44
C PRO C 48 23.45 0.66 -15.97
N LEU C 49 23.17 -0.28 -16.87
CA LEU C 49 23.15 -1.70 -16.57
C LEU C 49 23.86 -2.48 -17.66
N GLN C 50 24.31 -3.69 -17.32
CA GLN C 50 25.00 -4.54 -18.28
C GLN C 50 23.97 -5.28 -19.14
N PRO C 51 24.00 -5.14 -20.47
CA PRO C 51 22.82 -5.51 -21.26
C PRO C 51 22.48 -7.00 -21.26
N SER C 52 23.48 -7.89 -21.22
CA SER C 52 23.21 -9.32 -21.34
C SER C 52 23.40 -10.06 -20.01
N SER C 53 23.28 -9.36 -18.89
CA SER C 53 23.63 -9.96 -17.60
C SER C 53 22.55 -10.95 -17.17
N THR C 54 22.95 -12.21 -16.94
CA THR C 54 22.03 -13.12 -16.27
C THR C 54 21.59 -12.55 -14.92
N MET C 55 22.53 -11.94 -14.18
CA MET C 55 22.17 -11.34 -12.91
C MET C 55 21.22 -10.17 -13.10
N GLY C 56 21.37 -9.43 -14.20
CA GLY C 56 20.39 -8.41 -14.55
C GLY C 56 19.01 -9.00 -14.74
N GLN C 57 18.93 -10.15 -15.42
N GLN C 57 18.93 -10.17 -15.37
CA GLN C 57 17.66 -10.86 -15.56
CA GLN C 57 17.62 -10.80 -15.55
C GLN C 57 17.05 -11.16 -14.20
C GLN C 57 17.03 -11.23 -14.22
N VAL C 58 17.87 -11.66 -13.27
CA VAL C 58 17.36 -12.01 -11.94
C VAL C 58 16.74 -10.81 -11.28
N GLY C 59 17.47 -9.69 -11.23
CA GLY C 59 16.95 -8.51 -10.55
C GLY C 59 15.69 -7.98 -11.19
N ARG C 60 15.64 -7.97 -12.52
CA ARG C 60 14.43 -7.58 -13.22
C ARG C 60 13.24 -8.47 -12.83
N GLN C 61 13.45 -9.78 -12.88
CA GLN C 61 12.36 -10.71 -12.57
C GLN C 61 11.87 -10.51 -11.14
N LEU C 62 12.79 -10.33 -10.19
CA LEU C 62 12.35 -10.16 -8.81
C LEU C 62 11.55 -8.86 -8.63
N ALA C 63 11.96 -7.80 -9.33
CA ALA C 63 11.19 -6.58 -9.28
C ALA C 63 9.79 -6.79 -9.85
N ILE C 64 9.70 -7.50 -10.97
CA ILE C 64 8.43 -7.68 -11.66
C ILE C 64 7.46 -8.50 -10.82
N ILE C 65 7.89 -9.69 -10.38
CA ILE C 65 6.96 -10.57 -9.69
C ILE C 65 6.63 -10.05 -8.29
N GLY C 66 7.46 -9.18 -7.73
CA GLY C 66 7.17 -8.62 -6.41
C GLY C 66 6.25 -7.41 -6.40
N ASP C 67 5.87 -6.91 -7.58
CA ASP C 67 5.23 -5.61 -7.66
C ASP C 67 3.88 -5.59 -6.93
N ASP C 68 3.04 -6.59 -7.15
CA ASP C 68 1.73 -6.59 -6.51
C ASP C 68 1.87 -6.50 -5.00
N ILE C 69 2.76 -7.32 -4.44
CA ILE C 69 2.90 -7.37 -2.99
C ILE C 69 3.58 -6.11 -2.49
N ASN C 70 4.66 -5.70 -3.15
CA ASN C 70 5.47 -4.60 -2.63
C ASN C 70 4.67 -3.29 -2.58
N ARG C 71 3.84 -3.03 -3.60
CA ARG C 71 3.15 -1.76 -3.61
C ARG C 71 2.12 -1.67 -2.49
N ARG C 72 1.59 -2.81 -2.03
CA ARG C 72 0.64 -2.76 -0.91
C ARG C 72 1.26 -2.21 0.35
N TYR C 73 2.60 -2.22 0.45
CA TYR C 73 3.32 -1.70 1.61
C TYR C 73 3.78 -0.26 1.44
N ASP C 74 3.44 0.41 0.33
CA ASP C 74 3.99 1.74 0.04
C ASP C 74 3.64 2.75 1.13
N SER C 75 2.34 2.88 1.46
CA SER C 75 1.98 3.91 2.42
C SER C 75 2.57 3.62 3.78
N GLU C 76 2.63 2.34 4.17
CA GLU C 76 3.19 2.03 5.49
C GLU C 76 4.68 2.35 5.53
N PHE C 77 5.41 2.07 4.46
CA PHE C 77 6.82 2.42 4.50
C PHE C 77 7.05 3.94 4.47
N GLN C 78 6.19 4.71 3.80
CA GLN C 78 6.29 6.16 3.93
C GLN C 78 6.16 6.59 5.39
N THR C 79 5.15 6.07 6.08
CA THR C 79 4.97 6.39 7.49
C THR C 79 6.17 5.95 8.31
N MET C 80 6.65 4.73 8.07
CA MET C 80 7.72 4.20 8.91
C MET C 80 9.02 4.94 8.68
N LEU C 81 9.33 5.27 7.43
CA LEU C 81 10.58 5.96 7.15
C LEU C 81 10.55 7.40 7.61
N GLN C 82 9.36 8.02 7.60
CA GLN C 82 9.24 9.36 8.18
C GLN C 82 9.55 9.33 9.67
N HIS C 83 9.17 8.25 10.35
CA HIS C 83 9.47 8.09 11.77
C HIS C 83 10.95 7.78 11.99
N LEU C 84 11.52 6.89 11.17
CA LEU C 84 12.91 6.52 11.37
C LEU C 84 13.86 7.69 11.10
N GLN C 85 13.53 8.51 10.09
N GLN C 85 13.54 8.52 10.09
CA GLN C 85 14.33 9.67 9.70
CA GLN C 85 14.35 9.67 9.74
C GLN C 85 15.77 9.26 9.41
C GLN C 85 15.78 9.26 9.42
N PRO C 86 16.00 8.30 8.52
CA PRO C 86 17.37 7.88 8.21
C PRO C 86 18.09 8.98 7.44
N THR C 87 19.39 9.06 7.69
CA THR C 87 20.28 10.02 7.03
C THR C 87 21.56 9.28 6.66
N ALA C 88 22.43 9.99 5.94
CA ALA C 88 23.73 9.40 5.63
C ALA C 88 24.49 9.01 6.90
N GLU C 89 24.31 9.76 7.98
CA GLU C 89 25.11 9.53 9.18
C GLU C 89 24.68 8.30 9.96
N ASN C 90 23.39 7.96 9.95
CA ASN C 90 22.90 6.82 10.70
C ASN C 90 22.42 5.67 9.82
N ALA C 91 22.55 5.78 8.49
CA ALA C 91 21.97 4.76 7.62
C ALA C 91 22.62 3.39 7.83
N TYR C 92 23.95 3.34 7.96
CA TYR C 92 24.57 2.04 8.17
C TYR C 92 24.05 1.38 9.44
N GLU C 93 24.04 2.14 10.54
CA GLU C 93 23.57 1.59 11.81
C GLU C 93 22.17 1.02 11.67
N TYR C 94 21.25 1.80 11.11
CA TYR C 94 19.86 1.34 11.03
C TYR C 94 19.68 0.24 10.00
N PHE C 95 20.36 0.33 8.86
CA PHE C 95 20.28 -0.76 7.89
C PHE C 95 20.68 -2.07 8.51
N THR C 96 21.77 -2.06 9.28
CA THR C 96 22.27 -3.28 9.90
C THR C 96 21.32 -3.82 10.94
N LYS C 97 20.78 -2.94 11.81
CA LYS C 97 19.80 -3.37 12.81
C LYS C 97 18.57 -3.96 12.13
N ILE C 98 18.11 -3.33 11.04
CA ILE C 98 16.87 -3.77 10.39
C ILE C 98 17.09 -5.09 9.68
N ALA C 99 18.21 -5.20 8.95
CA ALA C 99 18.53 -6.42 8.24
C ALA C 99 18.75 -7.58 9.20
N THR C 100 19.43 -7.31 10.32
CA THR C 100 19.63 -8.36 11.32
C THR C 100 18.28 -8.86 11.84
N SER C 101 17.40 -7.93 12.20
N SER C 101 17.38 -7.94 12.18
CA SER C 101 16.07 -8.31 12.70
CA SER C 101 16.08 -8.32 12.69
C SER C 101 15.28 -9.07 11.64
C SER C 101 15.26 -9.06 11.65
N LEU C 102 15.40 -8.66 10.38
CA LEU C 102 14.67 -9.31 9.31
C LEU C 102 14.92 -10.81 9.28
N PHE C 103 16.18 -11.22 9.45
CA PHE C 103 16.56 -12.62 9.30
C PHE C 103 16.70 -13.36 10.62
N GLU C 104 16.42 -12.71 11.76
CA GLU C 104 16.66 -13.31 13.06
C GLU C 104 15.93 -14.65 13.21
N SER C 105 14.67 -14.70 12.81
CA SER C 105 13.87 -15.89 12.98
C SER C 105 13.93 -16.84 11.79
N GLY C 106 14.79 -16.58 10.82
CA GLY C 106 15.01 -17.52 9.73
C GLY C 106 15.26 -16.81 8.42
N ILE C 107 15.88 -17.53 7.49
CA ILE C 107 16.13 -17.05 6.14
C ILE C 107 15.17 -17.76 5.20
N ASN C 108 14.60 -17.00 4.27
CA ASN C 108 13.80 -17.57 3.21
C ASN C 108 13.89 -16.62 2.01
N TRP C 109 13.51 -17.14 0.83
CA TRP C 109 13.71 -16.36 -0.39
C TRP C 109 12.95 -15.03 -0.34
N GLY C 110 11.75 -15.03 0.23
CA GLY C 110 10.98 -13.80 0.29
C GLY C 110 11.68 -12.74 1.13
N ARG C 111 12.31 -13.15 2.23
CA ARG C 111 13.07 -12.22 3.05
C ARG C 111 14.33 -11.73 2.34
N VAL C 112 14.97 -12.61 1.56
CA VAL C 112 16.10 -12.18 0.74
C VAL C 112 15.67 -11.06 -0.20
N VAL C 113 14.53 -11.24 -0.87
CA VAL C 113 14.06 -10.23 -1.82
C VAL C 113 13.61 -8.97 -1.09
N ALA C 114 13.05 -9.12 0.11
CA ALA C 114 12.66 -7.96 0.90
C ALA C 114 13.86 -7.10 1.30
N LEU C 115 15.03 -7.72 1.51
CA LEU C 115 16.23 -6.93 1.76
C LEU C 115 16.55 -6.04 0.57
N LEU C 116 16.45 -6.58 -0.64
CA LEU C 116 16.61 -5.75 -1.84
C LEU C 116 15.60 -4.61 -1.83
N GLY C 117 14.34 -4.93 -1.53
CA GLY C 117 13.31 -3.91 -1.51
C GLY C 117 13.60 -2.84 -0.48
N PHE C 118 14.14 -3.23 0.67
CA PHE C 118 14.47 -2.23 1.67
C PHE C 118 15.59 -1.33 1.16
N GLY C 119 16.61 -1.92 0.55
CA GLY C 119 17.66 -1.11 -0.05
C GLY C 119 17.11 -0.10 -1.03
N TYR C 120 16.18 -0.55 -1.89
CA TYR C 120 15.52 0.35 -2.83
C TYR C 120 14.81 1.49 -2.11
N ARG C 121 14.01 1.15 -1.11
CA ARG C 121 13.21 2.18 -0.43
C ARG C 121 14.09 3.15 0.35
N LEU C 122 15.17 2.64 0.96
CA LEU C 122 16.10 3.52 1.64
C LEU C 122 16.81 4.43 0.66
N ALA C 123 17.25 3.90 -0.47
CA ALA C 123 17.92 4.74 -1.47
C ALA C 123 16.98 5.84 -1.94
N LEU C 124 15.72 5.50 -2.22
CA LEU C 124 14.76 6.53 -2.61
C LEU C 124 14.63 7.61 -1.55
N HIS C 125 14.46 7.19 -0.28
CA HIS C 125 14.28 8.15 0.79
C HIS C 125 15.44 9.14 0.84
N VAL C 126 16.67 8.61 0.83
CA VAL C 126 17.84 9.47 0.98
C VAL C 126 17.97 10.44 -0.20
N TYR C 127 17.71 9.95 -1.42
CA TYR C 127 17.76 10.87 -2.56
C TYR C 127 16.69 11.95 -2.44
N GLN C 128 15.48 11.56 -2.06
CA GLN C 128 14.37 12.50 -1.98
C GLN C 128 14.55 13.52 -0.86
N HIS C 129 15.41 13.24 0.12
CA HIS C 129 15.73 14.21 1.15
C HIS C 129 17.01 14.98 0.87
N GLY C 130 17.54 14.88 -0.35
CA GLY C 130 18.51 15.83 -0.84
C GLY C 130 19.90 15.32 -1.17
N LEU C 131 20.22 14.04 -1.00
CA LEU C 131 21.60 13.56 -1.14
C LEU C 131 21.73 12.72 -2.42
N THR C 132 22.56 13.19 -3.34
CA THR C 132 22.88 12.46 -4.55
C THR C 132 24.01 11.47 -4.29
N GLY C 133 24.15 10.51 -5.20
CA GLY C 133 25.27 9.58 -5.17
C GLY C 133 25.26 8.53 -4.09
N PHE C 134 24.15 8.34 -3.41
CA PHE C 134 24.05 7.40 -2.30
C PHE C 134 23.76 5.96 -2.75
N LEU C 135 23.41 5.76 -4.01
CA LEU C 135 23.02 4.42 -4.44
C LEU C 135 24.20 3.44 -4.29
N GLY C 136 25.43 3.89 -4.55
CA GLY C 136 26.57 3.02 -4.34
C GLY C 136 26.75 2.61 -2.89
N GLN C 137 26.41 3.50 -1.94
CA GLN C 137 26.56 3.16 -0.54
C GLN C 137 25.54 2.10 -0.10
N VAL C 138 24.28 2.27 -0.49
N VAL C 138 24.29 2.25 -0.52
CA VAL C 138 23.28 1.27 -0.15
CA VAL C 138 23.27 1.27 -0.13
C VAL C 138 23.58 -0.06 -0.83
C VAL C 138 23.47 -0.05 -0.88
N THR C 139 24.03 -0.01 -2.09
CA THR C 139 24.37 -1.25 -2.77
C THR C 139 25.35 -2.04 -1.93
N ARG C 140 26.37 -1.38 -1.38
CA ARG C 140 27.33 -2.08 -0.53
C ARG C 140 26.71 -2.50 0.79
N PHE C 141 25.81 -1.69 1.38
CA PHE C 141 25.08 -2.13 2.56
C PHE C 141 24.49 -3.52 2.31
N VAL C 142 23.80 -3.67 1.19
CA VAL C 142 23.13 -4.93 0.86
C VAL C 142 24.15 -6.04 0.66
N VAL C 143 25.16 -5.81 -0.19
CA VAL C 143 26.12 -6.87 -0.48
C VAL C 143 26.85 -7.29 0.77
N ASP C 144 27.38 -6.32 1.52
CA ASP C 144 28.20 -6.64 2.68
C ASP C 144 27.39 -7.37 3.75
N PHE C 145 26.16 -6.94 3.98
CA PHE C 145 25.34 -7.66 4.96
C PHE C 145 25.11 -9.10 4.52
N MET C 146 24.78 -9.31 3.25
CA MET C 146 24.54 -10.68 2.77
C MET C 146 25.78 -11.54 2.94
N LEU C 147 26.95 -11.02 2.54
CA LEU C 147 28.18 -11.79 2.65
C LEU C 147 28.49 -12.13 4.10
N HIS C 148 28.41 -11.14 4.99
CA HIS C 148 28.90 -11.33 6.35
C HIS C 148 27.85 -11.91 7.29
N HIS C 149 26.57 -11.95 6.90
CA HIS C 149 25.53 -12.55 7.73
C HIS C 149 24.96 -13.82 7.11
N SER C 150 25.74 -14.51 6.30
CA SER C 150 25.44 -15.86 5.81
C SER C 150 24.33 -15.90 4.77
N ILE C 151 23.82 -14.75 4.33
CA ILE C 151 22.74 -14.78 3.33
C ILE C 151 23.31 -15.21 1.99
N ALA C 152 24.48 -14.67 1.61
CA ALA C 152 25.12 -15.12 0.37
C ALA C 152 25.39 -16.61 0.39
N ARG C 153 25.84 -17.14 1.53
CA ARG C 153 26.09 -18.57 1.65
C ARG C 153 24.80 -19.35 1.45
N TRP C 154 23.72 -18.88 2.08
CA TRP C 154 22.41 -19.52 1.95
C TRP C 154 21.97 -19.60 0.51
N ILE C 155 22.05 -18.48 -0.21
CA ILE C 155 21.74 -18.48 -1.64
C ILE C 155 22.66 -19.43 -2.41
N ALA C 156 23.97 -19.38 -2.11
CA ALA C 156 24.92 -20.21 -2.83
C ALA C 156 24.54 -21.68 -2.72
N GLN C 157 24.15 -22.12 -1.53
CA GLN C 157 23.84 -23.52 -1.31
C GLN C 157 22.55 -23.95 -1.98
N ARG C 158 21.74 -22.99 -2.41
CA ARG C 158 20.52 -23.28 -3.16
C ARG C 158 20.68 -22.99 -4.65
N GLY C 159 21.92 -22.83 -5.13
CA GLY C 159 22.19 -22.70 -6.55
C GLY C 159 22.59 -21.32 -7.00
N GLY C 160 22.63 -20.34 -6.10
CA GLY C 160 22.97 -18.98 -6.49
C GLY C 160 21.73 -18.21 -6.86
N TRP C 161 21.97 -16.98 -7.32
CA TRP C 161 20.87 -16.06 -7.61
C TRP C 161 19.99 -16.55 -8.76
N VAL C 162 20.55 -17.31 -9.71
CA VAL C 162 19.73 -17.81 -10.81
C VAL C 162 18.65 -18.75 -10.30
N ALA C 163 18.84 -19.34 -9.13
CA ALA C 163 17.78 -20.13 -8.52
C ALA C 163 16.52 -19.29 -8.34
N ALA C 164 16.67 -17.97 -8.16
CA ALA C 164 15.52 -17.11 -7.97
C ALA C 164 14.64 -17.03 -9.22
N LEU C 165 15.20 -17.36 -10.39
CA LEU C 165 14.41 -17.36 -11.62
C LEU C 165 13.33 -18.44 -11.61
N ASN C 166 13.40 -19.40 -10.69
CA ASN C 166 12.36 -20.42 -10.56
C ASN C 166 11.18 -19.95 -9.72
N LEU C 167 11.31 -18.82 -9.03
CA LEU C 167 10.20 -18.30 -8.23
C LEU C 167 9.06 -17.85 -9.13
N GLY C 168 7.86 -18.34 -8.86
CA GLY C 168 6.69 -18.00 -9.65
C GLY C 168 6.75 -18.52 -11.08
N ASP D 1 7.21 2.75 23.51
CA ASP D 1 7.23 2.66 22.06
C ASP D 1 8.21 1.59 21.58
N MET D 2 7.78 0.80 20.60
CA MET D 2 8.72 -0.03 19.86
C MET D 2 9.62 0.87 19.01
N ARG D 3 10.91 0.57 19.01
N ARG D 3 10.91 0.57 19.01
CA ARG D 3 11.84 1.39 18.24
CA ARG D 3 11.85 1.37 18.24
C ARG D 3 11.49 1.32 16.75
C ARG D 3 11.47 1.32 16.76
N PRO D 4 11.68 2.42 16.02
CA PRO D 4 11.23 2.44 14.61
C PRO D 4 11.90 1.38 13.75
N GLU D 5 13.18 1.09 14.00
CA GLU D 5 13.86 0.09 13.18
C GLU D 5 13.27 -1.31 13.42
N ILE D 6 12.74 -1.56 14.62
CA ILE D 6 12.10 -2.83 14.93
C ILE D 6 10.77 -2.96 14.19
N TRP D 7 9.98 -1.89 14.19
CA TRP D 7 8.72 -1.90 13.45
C TRP D 7 8.98 -2.10 11.96
N ILE D 8 9.98 -1.42 11.41
CA ILE D 8 10.30 -1.60 10.00
C ILE D 8 10.70 -3.04 9.73
N ALA D 9 11.54 -3.62 10.59
CA ALA D 9 11.99 -4.99 10.37
C ALA D 9 10.81 -5.96 10.44
N GLN D 10 9.87 -5.73 11.37
CA GLN D 10 8.70 -6.58 11.47
C GLN D 10 7.86 -6.55 10.19
N GLU D 11 7.68 -5.36 9.61
CA GLU D 11 6.88 -5.27 8.38
C GLU D 11 7.67 -5.73 7.15
N LEU D 12 8.98 -5.50 7.11
CA LEU D 12 9.82 -6.12 6.09
C LEU D 12 9.67 -7.63 6.12
N ARG D 13 9.73 -8.20 7.32
N ARG D 13 9.73 -8.20 7.33
CA ARG D 13 9.57 -9.64 7.49
CA ARG D 13 9.57 -9.64 7.49
C ARG D 13 8.20 -10.11 7.01
C ARG D 13 8.20 -10.09 6.99
N ARG D 14 7.16 -9.34 7.31
CA ARG D 14 5.80 -9.71 6.88
C ARG D 14 5.67 -9.69 5.34
N GLY D 16 8.18 -9.88 3.15
CA GLY D 16 9.00 -10.95 2.60
C GLY D 16 8.30 -12.29 2.74
N ASP D 17 7.69 -12.52 3.90
CA ASP D 17 7.00 -13.79 4.13
C ASP D 17 5.77 -13.93 3.24
N GLU D 18 5.10 -12.81 2.93
CA GLU D 18 4.02 -12.85 1.97
C GLU D 18 4.51 -13.25 0.58
N PHE D 19 5.60 -12.65 0.13
CA PHE D 19 6.25 -13.06 -1.11
C PHE D 19 6.61 -14.54 -1.07
N ASN D 20 7.18 -14.98 0.04
CA ASN D 20 7.64 -16.37 0.17
C ASN D 20 6.47 -17.34 0.07
N ALA D 21 5.34 -17.00 0.69
CA ALA D 21 4.19 -17.90 0.64
C ALA D 21 3.55 -17.90 -0.75
N TYR D 22 3.53 -16.75 -1.41
CA TYR D 22 2.88 -16.66 -2.71
C TYR D 22 3.68 -17.42 -3.78
N TYR D 23 4.99 -17.29 -3.75
CA TYR D 23 5.86 -17.88 -4.77
C TYR D 23 6.53 -19.16 -4.25
N ALA D 24 5.72 -20.05 -3.69
CA ALA D 24 6.17 -21.34 -3.21
C ALA D 24 6.15 -22.37 -4.34
N ARG D 25 7.02 -23.37 -4.23
CA ARG D 25 7.27 -24.31 -5.33
C ARG D 25 6.18 -25.37 -5.39
N ARG D 26 5.32 -25.28 -6.41
CA ARG D 26 4.29 -26.29 -6.67
C ARG D 26 3.18 -26.24 -5.64
#